data_8R68
#
_entry.id   8R68
#
_cell.length_a   1.00
_cell.length_b   1.00
_cell.length_c   1.00
_cell.angle_alpha   90.00
_cell.angle_beta   90.00
_cell.angle_gamma   90.00
#
_symmetry.space_group_name_H-M   'P 1'
#
_entity_poly.entity_id   1
_entity_poly.type   'polypeptide(L)'
_entity_poly.pdbx_seq_one_letter_code
;MIPALNSLSQRIAARLSSSQRDDHYLHNDFHALTAATLDMEKRFDRAERIPSPPQEMRLEALRRFRLAQELTEREWRMVF
YGLADNDPLYPDQPILLEDDTFFPRVNSAIKKRIETKTLKRRDWAALCSSYFAYQHQSPETNPHWCVLRGHIAQGYLVVK
AAIRREKSWMKTIEFYHDIFTPQAGGVISRQLLAGENNSLSSLEKIAQIPDSSWLWKRIFTVLLAQLDTLDDPQFLSKIS
WLLGLAAQWVRFRDDIMTATLTRYYHSGYRDQSHPALKQAALEYWDNPQLKSQQNKWHQYVSESVAAMVRGWLAKQDLTH
FFELLRGNGDVDQARLHYWLRFANQMGFTRIIMGSDAWQDRGSDFVKFREENKGRLSYLRGGRNFDNAMVMQINDYLFVE
FSGTGNAMYAYQIGHAPFNPESRTLDINIHLKDQGRCALRLPHAPRAEGYNKVRITGWMLKYDDELRKLGIRWMAEEPVR
FVDKKVPPPVAMSDIKIINPLRDTAIQHLVKCSSCIVSDNRHKGGILSVQLITPDDTVEKELLRLGFAPVAKEPHRYWIK
;
_entity_poly.pdbx_strand_id   A
#
# COMPACT_ATOMS: atom_id res chain seq x y z
N ARG A 58 41.00 6.57 10.12
CA ARG A 58 40.52 5.61 11.10
C ARG A 58 40.97 4.19 10.74
N LEU A 59 40.86 3.85 9.47
CA LEU A 59 41.09 2.49 9.00
C LEU A 59 42.56 2.17 8.78
N GLU A 60 43.49 2.96 9.32
CA GLU A 60 44.90 2.63 9.23
C GLU A 60 45.29 1.46 10.13
N ALA A 61 44.39 1.02 11.01
CA ALA A 61 44.70 -0.10 11.90
C ALA A 61 44.87 -1.42 11.14
N LEU A 62 44.40 -1.50 9.89
CA LEU A 62 44.54 -2.74 9.13
C LEU A 62 46.00 -3.08 8.86
N ARG A 63 46.86 -2.06 8.73
CA ARG A 63 48.27 -2.31 8.52
C ARG A 63 48.90 -3.03 9.71
N ARG A 64 48.57 -2.61 10.92
CA ARG A 64 49.04 -3.29 12.13
C ARG A 64 48.08 -4.39 12.58
N PHE A 65 46.98 -4.61 11.86
CA PHE A 65 46.07 -5.69 12.19
C PHE A 65 46.69 -7.06 11.95
N ARG A 66 47.76 -7.14 11.15
CA ARG A 66 48.41 -8.41 10.88
C ARG A 66 49.07 -9.00 12.12
N LEU A 67 49.25 -8.19 13.17
CA LEU A 67 49.86 -8.68 14.40
C LEU A 67 48.98 -9.69 15.12
N ALA A 68 47.68 -9.68 14.86
CA ALA A 68 46.72 -10.60 15.51
C ALA A 68 46.80 -10.50 17.03
N GLU A 75 44.66 -0.17 24.06
CA GLU A 75 44.88 -1.50 23.48
C GLU A 75 43.56 -2.07 22.96
N TRP A 76 42.45 -1.68 23.58
CA TRP A 76 41.14 -2.13 23.13
C TRP A 76 40.75 -1.48 21.83
N ARG A 77 41.10 -0.21 21.64
CA ARG A 77 40.74 0.54 20.44
C ARG A 77 41.85 0.58 19.41
N MET A 78 43.00 -0.04 19.69
CA MET A 78 44.07 -0.05 18.70
C MET A 78 43.76 -1.02 17.56
N VAL A 79 42.94 -2.03 17.83
CA VAL A 79 42.48 -2.96 16.80
C VAL A 79 41.00 -2.79 16.49
N PHE A 80 40.35 -1.78 17.06
CA PHE A 80 38.93 -1.52 16.83
C PHE A 80 38.66 -1.29 15.35
N TYR A 81 39.21 -0.21 14.80
CA TYR A 81 38.92 0.14 13.41
C TYR A 81 39.59 -0.79 12.39
N GLY A 82 40.18 -1.90 12.85
CA GLY A 82 40.61 -2.96 11.95
C GLY A 82 39.55 -3.97 11.61
N LEU A 83 38.35 -3.83 12.18
CA LEU A 83 37.25 -4.74 11.91
C LEU A 83 35.92 -4.04 11.71
N ALA A 84 35.89 -2.71 11.70
CA ALA A 84 34.64 -1.96 11.58
C ALA A 84 34.15 -1.89 10.14
N ASP A 85 33.22 -0.98 9.88
CA ASP A 85 32.63 -0.85 8.55
C ASP A 85 33.69 -0.57 7.49
N ASN A 86 33.52 -1.18 6.32
CA ASN A 86 34.47 -1.06 5.22
C ASN A 86 33.75 -0.64 3.96
N ASP A 87 34.44 0.12 3.10
CA ASP A 87 35.78 0.63 3.39
C ASP A 87 35.86 2.06 2.86
N PRO A 88 35.48 3.03 3.70
CA PRO A 88 35.57 4.44 3.27
C PRO A 88 36.98 4.86 2.88
N LEU A 89 38.00 4.34 3.57
CA LEU A 89 39.37 4.72 3.26
C LEU A 89 39.78 4.26 1.87
N TYR A 90 39.42 3.03 1.50
CA TYR A 90 39.69 2.48 0.18
C TYR A 90 38.39 1.89 -0.36
N PRO A 91 37.56 2.72 -1.00
CA PRO A 91 36.28 2.21 -1.52
C PRO A 91 36.44 1.11 -2.55
N ASP A 92 37.58 1.04 -3.24
CA ASP A 92 37.84 -0.05 -4.17
C ASP A 92 37.98 -1.39 -3.49
N GLN A 93 38.17 -1.42 -2.16
CA GLN A 93 38.35 -2.68 -1.46
C GLN A 93 37.00 -3.35 -1.27
N PRO A 94 36.87 -4.63 -1.65
CA PRO A 94 35.56 -5.29 -1.56
C PRO A 94 35.15 -5.66 -0.13
N ILE A 95 34.05 -6.39 -0.01
CA ILE A 95 33.52 -6.76 1.31
C ILE A 95 34.56 -7.58 2.08
N LEU A 96 34.38 -7.62 3.41
CA LEU A 96 35.43 -8.12 4.29
C LEU A 96 35.76 -9.59 4.02
N LEU A 97 34.76 -10.43 3.78
CA LEU A 97 35.00 -11.84 3.51
C LEU A 97 35.17 -12.15 2.03
N GLU A 98 35.18 -11.15 1.16
CA GLU A 98 35.64 -11.32 -0.21
C GLU A 98 36.95 -10.57 -0.46
N ASP A 99 37.62 -10.12 0.59
CA ASP A 99 38.95 -9.55 0.47
C ASP A 99 39.93 -10.62 0.00
N ASP A 100 40.81 -10.26 -0.92
CA ASP A 100 41.78 -11.22 -1.43
C ASP A 100 42.99 -11.37 -0.51
N THR A 101 43.35 -10.32 0.24
CA THR A 101 44.56 -10.35 1.04
C THR A 101 44.31 -10.55 2.54
N PHE A 102 43.08 -10.32 3.01
CA PHE A 102 42.77 -10.40 4.43
C PHE A 102 41.69 -11.43 4.74
N PHE A 103 41.31 -12.28 3.78
CA PHE A 103 40.33 -13.32 4.05
C PHE A 103 40.80 -14.32 5.09
N PRO A 104 42.01 -14.90 5.00
CA PRO A 104 42.43 -15.85 6.05
C PRO A 104 42.89 -15.18 7.32
N ARG A 105 43.33 -13.92 7.25
CA ARG A 105 43.88 -13.26 8.43
C ARG A 105 42.80 -13.08 9.48
N VAL A 106 41.64 -12.56 9.07
CA VAL A 106 40.55 -12.32 10.02
C VAL A 106 39.94 -13.64 10.49
N ASN A 107 39.89 -14.64 9.60
CA ASN A 107 39.30 -15.93 9.97
C ASN A 107 40.10 -16.61 11.08
N SER A 108 41.38 -16.27 11.22
CA SER A 108 42.24 -16.86 12.25
C SER A 108 42.37 -15.96 13.47
N ALA A 109 42.67 -14.68 13.26
CA ALA A 109 42.91 -13.77 14.39
C ALA A 109 41.67 -13.68 15.28
N ILE A 110 40.48 -13.60 14.67
CA ILE A 110 39.24 -13.59 15.44
C ILE A 110 39.12 -14.89 16.22
N LYS A 111 39.42 -16.02 15.58
CA LYS A 111 39.33 -17.30 16.26
C LYS A 111 40.34 -17.41 17.40
N LYS A 112 41.56 -16.93 17.18
CA LYS A 112 42.63 -17.10 18.15
C LYS A 112 42.32 -16.40 19.47
N ARG A 113 41.70 -15.22 19.40
CA ARG A 113 41.42 -14.46 20.61
C ARG A 113 40.29 -15.06 21.43
N ILE A 114 39.55 -16.03 20.89
CA ILE A 114 38.38 -16.56 21.58
C ILE A 114 38.80 -17.38 22.79
N GLU A 115 39.81 -18.24 22.64
CA GLU A 115 40.17 -19.16 23.73
C GLU A 115 40.67 -18.43 24.96
N THR A 116 41.08 -17.17 24.83
CA THR A 116 41.45 -16.39 26.00
C THR A 116 40.26 -16.23 26.94
N LYS A 117 40.49 -16.48 28.22
CA LYS A 117 39.40 -16.52 29.18
C LYS A 117 38.73 -15.16 29.35
N THR A 118 39.53 -14.09 29.44
CA THR A 118 39.01 -12.75 29.70
C THR A 118 39.47 -11.81 28.61
N LEU A 119 38.53 -11.01 28.09
CA LEU A 119 38.82 -10.03 27.06
C LEU A 119 38.13 -8.71 27.37
N LYS A 120 38.83 -7.61 27.12
CA LYS A 120 38.26 -6.27 27.21
C LYS A 120 38.39 -5.52 25.90
N ARG A 121 38.85 -6.17 24.85
CA ARG A 121 39.07 -5.51 23.57
C ARG A 121 37.75 -5.12 22.92
N ARG A 122 37.78 -4.02 22.18
CA ARG A 122 36.61 -3.53 21.46
C ARG A 122 36.51 -4.05 20.04
N ASP A 123 37.44 -4.93 19.63
CA ASP A 123 37.39 -5.48 18.28
C ASP A 123 36.12 -6.29 18.06
N TRP A 124 35.63 -6.95 19.11
CA TRP A 124 34.42 -7.75 18.98
C TRP A 124 33.21 -6.86 18.67
N ALA A 125 33.10 -5.73 19.35
CA ALA A 125 32.07 -4.75 19.00
C ALA A 125 32.32 -4.18 17.61
N ALA A 126 33.60 -3.99 17.26
CA ALA A 126 33.93 -3.60 15.90
C ALA A 126 33.57 -4.69 14.91
N LEU A 127 33.80 -5.95 15.28
CA LEU A 127 33.37 -7.07 14.44
C LEU A 127 31.87 -7.02 14.20
N CYS A 128 31.11 -6.56 15.20
CA CYS A 128 29.65 -6.48 15.06
C CYS A 128 29.27 -5.56 13.90
N SER A 129 29.82 -4.34 13.90
CA SER A 129 29.38 -3.34 12.93
C SER A 129 29.59 -3.80 11.50
N SER A 130 30.68 -4.51 11.24
CA SER A 130 30.96 -4.98 9.89
C SER A 130 30.09 -6.16 9.47
N TYR A 131 29.30 -6.72 10.40
CA TYR A 131 28.43 -7.83 10.04
C TYR A 131 27.00 -7.62 10.52
N PHE A 132 26.84 -6.82 11.59
CA PHE A 132 25.50 -6.38 11.96
C PHE A 132 24.91 -5.50 10.87
N ALA A 133 25.72 -4.61 10.31
CA ALA A 133 25.34 -3.79 9.17
C ALA A 133 25.62 -4.47 7.83
N TYR A 134 25.94 -5.75 7.84
CA TYR A 134 26.16 -6.48 6.60
C TYR A 134 24.88 -6.48 5.77
N GLN A 135 25.01 -6.19 4.47
CA GLN A 135 23.84 -5.99 3.63
C GLN A 135 23.20 -7.32 3.24
N HIS A 136 23.94 -8.17 2.54
CA HIS A 136 23.37 -9.39 1.97
C HIS A 136 22.86 -10.31 3.08
N GLN A 137 22.02 -11.26 2.68
CA GLN A 137 21.30 -12.13 3.60
C GLN A 137 21.73 -13.59 3.47
N SER A 138 23.05 -13.82 3.40
CA SER A 138 23.56 -15.18 3.36
C SER A 138 23.05 -16.07 4.51
N PRO A 139 22.90 -15.59 5.76
CA PRO A 139 22.31 -16.49 6.75
C PRO A 139 20.92 -16.97 6.40
N TRP A 145 30.31 -17.00 5.22
CA TRP A 145 29.83 -15.68 5.63
C TRP A 145 29.24 -15.73 7.03
N CYS A 146 28.63 -16.87 7.37
CA CYS A 146 28.15 -17.09 8.73
C CYS A 146 29.25 -17.59 9.66
N VAL A 147 30.46 -17.83 9.13
CA VAL A 147 31.55 -18.35 9.96
C VAL A 147 31.92 -17.35 11.03
N LEU A 148 32.15 -16.09 10.64
CA LEU A 148 32.43 -15.06 11.63
C LEU A 148 31.19 -14.65 12.40
N ARG A 149 29.99 -14.93 11.87
CA ARG A 149 28.80 -14.83 12.70
C ARG A 149 28.77 -15.91 13.76
N GLY A 150 29.40 -17.05 13.49
CA GLY A 150 29.55 -18.07 14.53
C GLY A 150 30.46 -17.61 15.65
N HIS A 151 31.59 -16.99 15.32
CA HIS A 151 32.53 -16.55 16.34
C HIS A 151 31.90 -15.49 17.23
N ILE A 152 31.21 -14.51 16.63
CA ILE A 152 30.55 -13.50 17.45
C ILE A 152 29.40 -14.11 18.24
N ALA A 153 28.79 -15.17 17.72
CA ALA A 153 27.74 -15.85 18.47
C ALA A 153 28.28 -16.47 19.74
N GLN A 154 29.59 -16.75 19.78
CA GLN A 154 30.23 -17.28 20.97
C GLN A 154 31.26 -16.32 21.57
N GLY A 155 31.68 -15.30 20.83
CA GLY A 155 32.76 -14.45 21.29
C GLY A 155 32.39 -13.62 22.52
N TYR A 156 31.13 -13.19 22.61
CA TYR A 156 30.76 -12.28 23.68
C TYR A 156 30.73 -12.95 25.04
N LEU A 157 30.89 -14.28 25.10
CA LEU A 157 30.97 -14.95 26.39
C LEU A 157 32.31 -14.67 27.08
N VAL A 158 33.40 -14.74 26.33
CA VAL A 158 34.72 -14.63 26.94
C VAL A 158 35.07 -13.19 27.27
N VAL A 159 34.32 -12.21 26.76
CA VAL A 159 34.62 -10.81 27.03
C VAL A 159 34.00 -10.32 28.33
N LYS A 160 33.12 -11.10 28.95
CA LYS A 160 32.52 -10.71 30.22
C LYS A 160 33.51 -10.88 31.36
N TRP A 169 31.75 -5.33 26.42
CA TRP A 169 30.96 -5.24 25.20
C TRP A 169 30.16 -6.52 24.98
N MET A 170 29.73 -7.14 26.07
CA MET A 170 28.88 -8.32 25.98
C MET A 170 27.44 -7.96 25.65
N LYS A 171 27.07 -6.69 25.79
CA LYS A 171 25.73 -6.21 25.48
C LYS A 171 25.56 -5.82 24.02
N THR A 172 26.58 -6.05 23.19
CA THR A 172 26.50 -5.64 21.79
C THR A 172 25.37 -6.35 21.06
N ILE A 173 25.34 -7.69 21.14
CA ILE A 173 24.41 -8.49 20.35
C ILE A 173 23.45 -9.23 21.27
N GLU A 174 23.09 -8.60 22.39
CA GLU A 174 22.20 -9.23 23.36
C GLU A 174 20.89 -9.68 22.71
N PHE A 175 20.22 -8.77 22.01
CA PHE A 175 18.99 -9.10 21.30
C PHE A 175 19.20 -9.21 19.80
N TYR A 176 20.43 -9.06 19.31
CA TYR A 176 20.68 -9.26 17.89
C TYR A 176 20.55 -10.73 17.51
N HIS A 177 20.88 -11.63 18.43
CA HIS A 177 20.61 -13.06 18.31
C HIS A 177 19.38 -13.45 19.10
N ASP A 178 18.37 -12.57 19.16
CA ASP A 178 17.15 -12.88 19.90
C ASP A 178 16.51 -14.17 19.42
N ILE A 179 16.69 -14.51 18.15
CA ILE A 179 16.14 -15.74 17.60
C ILE A 179 17.19 -16.85 17.49
N PHE A 180 18.47 -16.52 17.55
CA PHE A 180 19.57 -17.49 17.60
C PHE A 180 19.62 -18.40 16.38
N THR A 181 19.01 -18.00 15.27
CA THR A 181 19.04 -18.77 14.03
C THR A 181 19.36 -17.81 12.90
N PRO A 182 19.94 -18.32 11.80
CA PRO A 182 20.26 -17.44 10.66
C PRO A 182 19.05 -16.67 10.13
N GLN A 183 17.85 -17.21 10.34
CA GLN A 183 16.62 -16.51 10.00
C GLN A 183 16.33 -15.50 11.12
N ALA A 184 16.88 -14.30 10.98
CA ALA A 184 16.81 -13.30 12.03
C ALA A 184 15.57 -12.42 11.88
N GLY A 185 15.39 -11.50 12.82
CA GLY A 185 14.23 -10.64 12.84
C GLY A 185 13.21 -11.06 13.87
N GLY A 186 13.68 -11.44 15.05
CA GLY A 186 12.81 -11.97 16.09
C GLY A 186 12.10 -10.87 16.86
N VAL A 187 12.17 -10.93 18.20
CA VAL A 187 11.54 -9.93 19.05
C VAL A 187 12.02 -8.52 18.73
N ILE A 188 13.12 -8.38 17.98
CA ILE A 188 13.58 -7.06 17.56
C ILE A 188 12.52 -6.36 16.72
N SER A 189 11.73 -7.12 15.96
CA SER A 189 10.60 -6.53 15.23
C SER A 189 9.43 -6.24 16.14
N ARG A 190 9.24 -7.04 17.19
CA ARG A 190 8.09 -6.89 18.07
C ARG A 190 8.10 -5.57 18.83
N GLN A 191 9.28 -4.98 19.06
CA GLN A 191 9.33 -3.70 19.76
C GLN A 191 8.71 -2.59 18.92
N LEU A 192 9.02 -2.55 17.62
CA LEU A 192 8.43 -1.52 16.76
C LEU A 192 6.94 -1.75 16.56
N LEU A 193 6.55 -3.00 16.23
CA LEU A 193 5.16 -3.28 15.88
C LEU A 193 4.23 -3.01 17.06
N ALA A 194 4.63 -3.42 18.26
CA ALA A 194 3.79 -3.23 19.44
C ALA A 194 3.74 -1.76 19.83
N SER A 199 14.36 -2.73 16.20
CA SER A 199 14.17 -1.34 16.59
C SER A 199 14.66 -0.40 15.51
N LEU A 200 15.90 -0.63 15.04
CA LEU A 200 16.55 0.19 14.02
C LEU A 200 16.82 1.62 14.50
N SER A 201 16.43 1.93 15.74
CA SER A 201 16.66 3.25 16.31
C SER A 201 17.53 3.18 17.57
N SER A 202 17.14 2.37 18.56
CA SER A 202 17.89 2.30 19.81
C SER A 202 19.12 1.40 19.72
N LEU A 203 19.25 0.62 18.65
CA LEU A 203 20.39 -0.27 18.48
C LEU A 203 21.61 0.43 17.89
N GLU A 204 21.51 1.72 17.57
CA GLU A 204 22.62 2.44 16.97
C GLU A 204 23.80 2.63 17.93
N LYS A 205 23.61 2.36 19.23
CA LYS A 205 24.70 2.49 20.17
C LYS A 205 25.81 1.49 19.89
N ILE A 206 25.47 0.32 19.35
CA ILE A 206 26.46 -0.68 18.95
C ILE A 206 26.80 -0.55 17.48
N ALA A 207 25.79 -0.38 16.63
CA ALA A 207 25.98 -0.18 15.20
C ALA A 207 24.66 0.33 14.62
N GLN A 208 24.76 1.16 13.60
CA GLN A 208 23.59 1.72 12.93
C GLN A 208 23.20 0.83 11.76
N ILE A 209 21.89 0.76 11.51
CA ILE A 209 21.35 -0.08 10.44
C ILE A 209 20.49 0.79 9.53
N PRO A 210 21.09 1.67 8.73
CA PRO A 210 20.28 2.43 7.77
C PRO A 210 19.76 1.56 6.63
N ASP A 211 20.68 0.88 5.94
CA ASP A 211 20.38 0.03 4.78
C ASP A 211 21.28 -1.20 4.87
N SER A 212 20.77 -2.27 5.47
CA SER A 212 21.46 -3.56 5.51
C SER A 212 20.40 -4.64 5.49
N SER A 213 20.31 -5.34 4.36
CA SER A 213 19.20 -6.27 4.16
C SER A 213 19.19 -7.41 5.18
N TRP A 214 20.31 -7.65 5.86
CA TRP A 214 20.33 -8.71 6.88
C TRP A 214 19.36 -8.39 8.01
N LEU A 215 19.35 -7.14 8.48
CA LEU A 215 18.44 -6.74 9.53
C LEU A 215 17.29 -5.89 9.02
N TRP A 216 17.53 -5.02 8.05
CA TRP A 216 16.49 -4.11 7.59
C TRP A 216 15.31 -4.87 7.02
N LYS A 217 15.55 -5.77 6.06
CA LYS A 217 14.47 -6.56 5.50
C LYS A 217 13.93 -7.56 6.51
N ARG A 218 14.83 -8.31 7.14
CA ARG A 218 14.42 -9.41 8.00
C ARG A 218 13.71 -8.95 9.26
N ILE A 219 13.74 -7.66 9.58
CA ILE A 219 12.96 -7.15 10.69
C ILE A 219 11.56 -6.73 10.25
N PHE A 220 11.35 -6.50 8.95
CA PHE A 220 10.03 -6.15 8.43
C PHE A 220 9.33 -7.31 7.75
N THR A 221 10.06 -8.36 7.38
CA THR A 221 9.40 -9.56 6.88
C THR A 221 8.70 -10.34 7.97
N VAL A 222 8.93 -9.98 9.23
CA VAL A 222 8.27 -10.63 10.37
C VAL A 222 7.09 -9.80 10.86
N LEU A 223 7.29 -8.51 11.08
CA LEU A 223 6.18 -7.67 11.55
C LEU A 223 5.09 -7.54 10.52
N LEU A 224 5.36 -7.84 9.24
CA LEU A 224 4.31 -7.95 8.24
C LEU A 224 3.71 -9.35 8.21
N ALA A 225 4.52 -10.39 8.46
CA ALA A 225 4.01 -11.75 8.52
C ALA A 225 3.17 -12.00 9.76
N GLN A 226 3.22 -11.11 10.75
CA GLN A 226 2.42 -11.24 11.97
C GLN A 226 1.17 -10.39 11.94
N LEU A 227 0.82 -9.80 10.79
CA LEU A 227 -0.43 -9.05 10.71
C LEU A 227 -1.65 -9.95 10.85
N ASP A 228 -1.50 -11.24 10.55
CA ASP A 228 -2.60 -12.19 10.61
C ASP A 228 -3.04 -12.48 12.04
N THR A 229 -2.38 -11.85 13.02
CA THR A 229 -2.78 -11.95 14.41
C THR A 229 -3.02 -10.53 14.94
N LEU A 230 -3.16 -10.43 16.26
CA LEU A 230 -3.44 -9.18 16.98
C LEU A 230 -4.89 -8.75 16.74
N ASP A 231 -5.54 -8.25 17.80
CA ASP A 231 -6.96 -7.94 17.74
C ASP A 231 -7.20 -6.76 16.80
N ASP A 232 -8.48 -6.57 16.45
CA ASP A 232 -8.82 -5.58 15.43
C ASP A 232 -9.83 -4.53 15.92
N PRO A 233 -9.68 -3.96 17.14
CA PRO A 233 -10.18 -2.60 17.34
C PRO A 233 -9.07 -1.57 17.26
N GLN A 234 -7.82 -2.02 17.26
CA GLN A 234 -6.67 -1.15 17.04
C GLN A 234 -5.88 -1.50 15.79
N PHE A 235 -6.26 -2.56 15.06
CA PHE A 235 -5.60 -2.86 13.80
C PHE A 235 -5.75 -1.72 12.82
N LEU A 236 -6.95 -1.11 12.76
CA LEU A 236 -7.15 0.06 11.92
C LEU A 236 -6.23 1.19 12.33
N SER A 237 -6.06 1.40 13.65
CA SER A 237 -5.07 2.36 14.11
C SER A 237 -3.67 1.95 13.68
N LYS A 238 -3.38 0.65 13.73
CA LYS A 238 -2.04 0.19 13.36
C LYS A 238 -1.76 0.34 11.87
N ILE A 239 -2.78 0.36 11.02
CA ILE A 239 -2.54 0.68 9.60
C ILE A 239 -1.98 2.10 9.49
N SER A 240 -2.55 3.03 10.25
CA SER A 240 -2.08 4.41 10.19
C SER A 240 -0.60 4.51 10.49
N TRP A 241 -0.14 3.82 11.53
CA TRP A 241 1.30 3.69 11.74
C TRP A 241 1.95 2.89 10.62
N LEU A 242 1.32 1.77 10.23
CA LEU A 242 1.90 0.91 9.20
C LEU A 242 1.92 1.61 7.84
N LEU A 243 0.94 2.48 7.59
CA LEU A 243 1.04 3.36 6.43
C LEU A 243 2.15 4.38 6.63
N GLY A 244 2.34 4.83 7.87
CA GLY A 244 3.48 5.68 8.18
C GLY A 244 4.81 5.00 7.91
N LEU A 245 4.88 3.68 8.14
CA LEU A 245 6.10 2.95 7.81
C LEU A 245 6.37 2.99 6.32
N ALA A 246 5.32 2.92 5.49
CA ALA A 246 5.51 3.09 4.06
C ALA A 246 5.91 4.51 3.69
N ALA A 247 5.84 5.46 4.63
CA ALA A 247 6.15 6.85 4.29
C ALA A 247 7.65 7.10 4.18
N GLN A 248 8.44 6.67 5.18
CA GLN A 248 9.88 6.90 5.10
C GLN A 248 10.62 5.71 4.49
N TRP A 249 10.19 4.49 4.78
CA TRP A 249 10.86 3.32 4.23
C TRP A 249 10.45 3.19 2.76
N VAL A 250 11.33 3.63 1.86
CA VAL A 250 10.96 3.71 0.45
C VAL A 250 10.82 2.32 -0.15
N ARG A 251 11.76 1.41 0.14
CA ARG A 251 11.71 0.08 -0.45
C ARG A 251 10.57 -0.74 0.15
N PHE A 252 10.37 -0.66 1.46
CA PHE A 252 9.28 -1.38 2.09
C PHE A 252 7.91 -0.81 1.74
N ARG A 253 7.86 0.37 1.12
CA ARG A 253 6.58 0.95 0.72
C ARG A 253 5.85 0.02 -0.25
N ASP A 254 6.58 -0.56 -1.20
CA ASP A 254 5.99 -1.51 -2.13
C ASP A 254 5.89 -2.92 -1.55
N ASP A 255 6.40 -3.14 -0.34
CA ASP A 255 6.27 -4.41 0.36
C ASP A 255 5.30 -4.37 1.52
N ILE A 256 5.24 -3.25 2.26
CA ILE A 256 4.24 -3.11 3.30
C ILE A 256 2.86 -2.95 2.68
N MET A 257 2.74 -2.11 1.64
CA MET A 257 1.45 -1.91 1.01
C MET A 257 0.99 -3.17 0.28
N THR A 258 1.94 -3.94 -0.27
CA THR A 258 1.60 -5.19 -0.94
C THR A 258 0.93 -6.16 0.01
N ALA A 259 1.26 -6.09 1.30
CA ALA A 259 0.70 -7.01 2.29
C ALA A 259 -0.14 -6.31 3.34
N THR A 260 -0.28 -4.99 3.31
CA THR A 260 -1.19 -4.33 4.23
C THR A 260 -2.64 -4.53 3.81
N LEU A 261 -2.89 -4.47 2.51
CA LEU A 261 -4.24 -4.65 1.98
C LEU A 261 -4.66 -6.12 2.02
N THR A 262 -3.70 -7.05 1.87
CA THR A 262 -4.03 -8.46 1.90
C THR A 262 -4.60 -8.87 3.26
N ARG A 263 -3.99 -8.41 4.35
CA ARG A 263 -4.57 -8.69 5.67
C ARG A 263 -5.83 -7.88 5.88
N TYR A 264 -5.89 -6.65 5.34
CA TYR A 264 -7.09 -5.85 5.48
C TYR A 264 -8.29 -6.53 4.83
N TYR A 265 -8.03 -7.40 3.85
CA TYR A 265 -9.10 -8.18 3.22
C TYR A 265 -9.61 -9.26 4.16
N HIS A 266 -8.74 -10.18 4.56
CA HIS A 266 -9.13 -11.34 5.35
C HIS A 266 -9.62 -10.98 6.76
N SER A 267 -9.42 -9.73 7.19
CA SER A 267 -9.89 -9.32 8.51
C SER A 267 -11.40 -9.40 8.61
N GLY A 268 -12.12 -8.89 7.61
CA GLY A 268 -13.56 -8.86 7.65
C GLY A 268 -14.13 -7.51 7.26
N TYR A 269 -13.25 -6.61 6.81
CA TYR A 269 -13.62 -5.26 6.39
C TYR A 269 -13.71 -5.17 4.88
N ARG A 270 -14.25 -6.22 4.25
CA ARG A 270 -14.28 -6.32 2.79
C ARG A 270 -14.87 -5.07 2.15
N ASP A 271 -15.92 -4.51 2.74
CA ASP A 271 -16.66 -3.42 2.12
C ASP A 271 -16.94 -2.27 3.07
N GLN A 272 -15.94 -1.80 3.81
CA GLN A 272 -16.07 -0.61 4.65
C GLN A 272 -14.95 0.37 4.29
N SER A 273 -15.25 1.66 4.39
CA SER A 273 -14.34 2.69 3.90
C SER A 273 -13.03 2.70 4.67
N HIS A 274 -11.95 2.98 3.97
CA HIS A 274 -10.66 3.29 4.58
C HIS A 274 -9.91 4.23 3.67
N PRO A 275 -10.11 5.55 3.79
CA PRO A 275 -9.48 6.48 2.83
C PRO A 275 -7.97 6.49 2.89
N ALA A 276 -7.38 6.17 4.03
CA ALA A 276 -5.93 6.27 4.16
C ALA A 276 -5.22 5.31 3.21
N LEU A 277 -5.59 4.04 3.22
CA LEU A 277 -5.08 3.12 2.20
C LEU A 277 -5.55 3.55 0.81
N LYS A 278 -6.80 3.99 0.72
CA LYS A 278 -7.34 4.44 -0.56
C LYS A 278 -6.48 5.54 -1.14
N GLN A 279 -6.12 6.53 -0.33
CA GLN A 279 -5.24 7.60 -0.79
C GLN A 279 -3.82 7.09 -0.99
N ALA A 280 -3.28 6.39 0.00
CA ALA A 280 -1.87 6.00 -0.02
C ALA A 280 -1.57 5.04 -1.16
N ALA A 281 -2.43 4.02 -1.34
CA ALA A 281 -2.19 3.05 -2.39
C ALA A 281 -2.27 3.68 -3.77
N LEU A 282 -3.23 4.59 -3.98
CA LEU A 282 -3.30 5.31 -5.24
C LEU A 282 -2.06 6.17 -5.46
N GLU A 283 -1.58 6.82 -4.41
CA GLU A 283 -0.39 7.67 -4.54
C GLU A 283 0.84 6.85 -4.91
N TYR A 284 0.99 5.67 -4.30
CA TYR A 284 2.23 4.90 -4.47
C TYR A 284 2.32 4.27 -5.86
N TRP A 285 1.21 3.73 -6.37
CA TRP A 285 1.17 3.28 -7.75
C TRP A 285 -0.29 3.28 -8.22
N ASP A 286 -0.45 3.22 -9.55
CA ASP A 286 -1.77 3.35 -10.15
C ASP A 286 -2.64 2.14 -9.84
N ASN A 287 -3.91 2.41 -9.55
CA ASN A 287 -4.91 1.36 -9.40
C ASN A 287 -5.63 1.17 -10.72
N PRO A 288 -5.58 -0.03 -11.32
CA PRO A 288 -6.21 -0.22 -12.64
C PRO A 288 -7.68 0.15 -12.61
N GLN A 289 -8.11 0.85 -13.67
CA GLN A 289 -9.48 1.33 -13.80
C GLN A 289 -9.90 2.17 -12.60
N LYS A 296 -1.53 -1.50 -11.88
CA LYS A 296 -0.19 -1.87 -11.41
C LYS A 296 -0.33 -2.83 -10.22
N TRP A 297 -1.52 -2.83 -9.62
CA TRP A 297 -1.80 -3.71 -8.49
C TRP A 297 -1.64 -5.18 -8.87
N HIS A 298 -1.99 -5.54 -10.10
CA HIS A 298 -1.95 -6.94 -10.50
C HIS A 298 -0.52 -7.47 -10.50
N GLN A 299 0.46 -6.58 -10.59
CA GLN A 299 1.87 -6.97 -10.60
C GLN A 299 2.48 -6.83 -9.22
N VAL A 301 -0.11 -7.22 -6.46
CA VAL A 301 -0.91 -8.11 -5.63
C VAL A 301 -1.91 -8.88 -6.49
N SER A 302 -2.76 -9.66 -5.83
CA SER A 302 -3.79 -10.43 -6.52
C SER A 302 -4.95 -9.52 -6.91
N GLU A 303 -5.90 -10.09 -7.63
CA GLU A 303 -7.08 -9.35 -8.08
C GLU A 303 -8.30 -9.69 -7.21
N SER A 304 -8.12 -10.58 -6.25
CA SER A 304 -9.16 -10.90 -5.28
C SER A 304 -9.12 -9.95 -4.09
N VAL A 305 -8.02 -9.22 -3.92
CA VAL A 305 -7.87 -8.26 -2.84
C VAL A 305 -7.91 -6.82 -3.32
N ALA A 306 -7.53 -6.56 -4.58
CA ALA A 306 -7.59 -5.20 -5.11
C ALA A 306 -9.04 -4.70 -5.19
N ALA A 307 -9.96 -5.57 -5.57
CA ALA A 307 -11.36 -5.18 -5.71
C ALA A 307 -12.01 -4.82 -4.39
N MET A 308 -11.37 -5.12 -3.27
CA MET A 308 -11.95 -4.79 -1.96
C MET A 308 -12.08 -3.27 -1.78
N VAL A 309 -10.98 -2.54 -2.00
CA VAL A 309 -11.05 -1.08 -1.88
C VAL A 309 -11.65 -0.47 -3.14
N ARG A 310 -11.54 -1.15 -4.28
CA ARG A 310 -12.31 -0.79 -5.47
C ARG A 310 -13.80 -0.75 -5.20
N GLY A 311 -14.26 -1.36 -4.11
CA GLY A 311 -15.62 -1.20 -3.66
C GLY A 311 -15.84 0.18 -3.06
N TRP A 312 -14.79 1.00 -3.00
CA TRP A 312 -14.99 2.38 -2.58
C TRP A 312 -14.51 3.38 -3.64
N LEU A 313 -13.68 2.95 -4.58
CA LEU A 313 -13.54 3.72 -5.82
C LEU A 313 -14.81 3.63 -6.64
N ALA A 314 -15.71 2.70 -6.30
CA ALA A 314 -17.02 2.66 -6.94
C ALA A 314 -18.08 3.35 -6.09
N LYS A 315 -18.12 3.04 -4.79
CA LYS A 315 -19.19 3.55 -3.94
C LYS A 315 -19.07 5.05 -3.70
N GLN A 316 -17.85 5.53 -3.46
CA GLN A 316 -17.68 6.96 -3.21
C GLN A 316 -18.07 7.79 -4.43
N ASP A 317 -17.77 7.29 -5.63
CA ASP A 317 -18.23 7.97 -6.83
C ASP A 317 -19.74 7.96 -6.95
N LEU A 318 -20.41 6.98 -6.34
CA LEU A 318 -21.87 6.95 -6.37
C LEU A 318 -22.46 7.84 -5.29
N THR A 319 -21.96 7.72 -4.05
CA THR A 319 -22.54 8.48 -2.95
C THR A 319 -22.40 9.98 -3.17
N HIS A 320 -21.21 10.43 -3.59
CA HIS A 320 -21.00 11.85 -3.82
C HIS A 320 -21.83 12.36 -4.99
N PHE A 321 -21.94 11.59 -6.06
CA PHE A 321 -22.65 12.05 -7.25
C PHE A 321 -24.12 12.27 -6.97
N PHE A 322 -24.76 11.35 -6.24
CA PHE A 322 -26.18 11.43 -5.98
C PHE A 322 -26.53 12.17 -4.69
N GLU A 323 -25.53 12.64 -3.94
CA GLU A 323 -25.78 13.40 -2.73
C GLU A 323 -25.07 14.75 -2.72
N LEU A 324 -23.86 14.84 -3.24
CA LEU A 324 -23.12 16.10 -3.28
C LEU A 324 -23.24 16.82 -4.62
N LEU A 325 -23.27 16.10 -5.73
CA LEU A 325 -23.41 16.69 -7.06
C LEU A 325 -24.84 16.62 -7.57
N ARG A 326 -25.82 16.78 -6.67
CA ARG A 326 -27.23 16.74 -7.03
C ARG A 326 -27.64 17.90 -7.93
N GLY A 327 -26.76 18.84 -8.21
CA GLY A 327 -27.15 20.00 -8.99
C GLY A 327 -28.04 20.93 -8.17
N ASN A 328 -28.90 21.66 -8.88
CA ASN A 328 -29.82 22.58 -8.23
C ASN A 328 -30.99 21.87 -7.56
N GLY A 329 -31.17 20.57 -7.81
CA GLY A 329 -32.25 19.81 -7.21
C GLY A 329 -31.84 19.18 -5.89
N ASP A 330 -32.72 18.32 -5.39
CA ASP A 330 -32.49 17.64 -4.12
C ASP A 330 -31.73 16.34 -4.33
N VAL A 331 -31.56 15.58 -3.25
CA VAL A 331 -30.83 14.33 -3.31
C VAL A 331 -31.65 13.27 -4.04
N ASP A 332 -31.02 12.55 -4.97
CA ASP A 332 -31.71 11.56 -5.79
C ASP A 332 -31.54 10.18 -5.15
N GLN A 333 -32.37 9.91 -4.14
CA GLN A 333 -32.35 8.60 -3.50
C GLN A 333 -32.82 7.50 -4.45
N ALA A 334 -33.76 7.83 -5.34
CA ALA A 334 -34.33 6.82 -6.22
C ALA A 334 -33.27 6.21 -7.13
N ARG A 335 -32.39 7.05 -7.69
CA ARG A 335 -31.32 6.55 -8.52
C ARG A 335 -30.15 6.02 -7.71
N LEU A 336 -30.11 6.31 -6.41
CA LEU A 336 -28.97 5.93 -5.59
C LEU A 336 -29.07 4.48 -5.10
N HIS A 337 -30.19 4.14 -4.45
CA HIS A 337 -30.29 2.83 -3.81
C HIS A 337 -30.21 1.71 -4.84
N TYR A 338 -30.93 1.85 -5.95
CA TYR A 338 -30.85 0.83 -7.00
C TYR A 338 -29.45 0.72 -7.59
N TRP A 339 -28.69 1.81 -7.62
CA TRP A 339 -27.36 1.77 -8.20
C TRP A 339 -26.29 1.46 -7.15
N LEU A 340 -26.49 1.90 -5.91
CA LEU A 340 -25.60 1.48 -4.83
C LEU A 340 -25.76 0.00 -4.53
N ARG A 341 -26.89 -0.60 -4.91
CA ARG A 341 -27.08 -2.04 -4.76
C ARG A 341 -25.98 -2.82 -5.46
N PHE A 342 -25.69 -2.48 -6.71
CA PHE A 342 -24.78 -3.27 -7.52
C PHE A 342 -23.34 -2.75 -7.43
N ALA A 343 -22.89 -2.48 -6.21
CA ALA A 343 -21.59 -1.86 -5.99
C ALA A 343 -20.46 -2.85 -5.78
N ASN A 344 -20.78 -4.12 -5.54
CA ASN A 344 -19.77 -5.13 -5.28
C ASN A 344 -19.19 -5.75 -6.54
N GLN A 345 -19.69 -5.35 -7.72
CA GLN A 345 -19.19 -5.87 -8.98
C GLN A 345 -18.62 -4.79 -9.89
N MET A 346 -18.71 -3.52 -9.51
CA MET A 346 -18.29 -2.41 -10.36
C MET A 346 -16.77 -2.36 -10.46
N GLY A 347 -16.27 -2.22 -11.68
CA GLY A 347 -14.85 -2.21 -11.93
C GLY A 347 -14.25 -0.83 -12.08
N PHE A 348 -14.92 0.06 -12.80
CA PHE A 348 -14.43 1.39 -13.07
C PHE A 348 -15.56 2.41 -12.88
N THR A 349 -15.22 3.54 -12.26
CA THR A 349 -16.15 4.64 -12.07
C THR A 349 -15.44 5.96 -12.36
N ARG A 350 -16.22 6.97 -12.73
CA ARG A 350 -15.66 8.27 -13.05
C ARG A 350 -16.77 9.32 -12.98
N ILE A 351 -16.59 10.32 -12.12
CA ILE A 351 -17.55 11.42 -11.99
C ILE A 351 -17.18 12.50 -12.99
N ILE A 352 -18.20 13.16 -13.54
CA ILE A 352 -18.01 14.32 -14.41
C ILE A 352 -18.66 15.52 -13.73
N MET A 353 -17.93 16.64 -13.71
CA MET A 353 -18.28 17.80 -12.90
C MET A 353 -19.29 18.69 -13.62
N GLY A 354 -19.49 19.89 -13.08
CA GLY A 354 -20.30 20.91 -13.70
C GLY A 354 -19.56 22.24 -13.78
N SER A 355 -20.17 23.18 -14.49
CA SER A 355 -19.55 24.49 -14.68
C SER A 355 -19.43 25.24 -13.36
N ASP A 356 -20.51 25.30 -12.59
CA ASP A 356 -20.48 26.04 -11.32
C ASP A 356 -19.65 25.32 -10.27
N ALA A 357 -19.39 24.03 -10.44
CA ALA A 357 -18.63 23.28 -9.43
C ALA A 357 -17.21 23.80 -9.32
N TRP A 358 -16.57 24.12 -10.46
CA TRP A 358 -15.27 24.77 -10.39
C TRP A 358 -15.36 26.25 -10.07
N GLN A 359 -16.55 26.84 -10.21
CA GLN A 359 -16.78 28.19 -9.69
C GLN A 359 -17.11 28.18 -8.21
N ASP A 360 -17.20 27.00 -7.60
CA ASP A 360 -17.40 26.88 -6.15
C ASP A 360 -16.04 27.01 -5.48
N ARG A 361 -15.71 28.22 -5.05
CA ARG A 361 -14.42 28.47 -4.41
C ARG A 361 -14.33 27.84 -3.02
N GLY A 362 -15.43 27.36 -2.47
CA GLY A 362 -15.38 26.70 -1.17
C GLY A 362 -14.55 25.42 -1.24
N SER A 363 -13.86 25.13 -0.14
CA SER A 363 -12.97 23.97 -0.11
C SER A 363 -13.72 22.65 -0.18
N ASP A 364 -15.05 22.67 0.00
CA ASP A 364 -15.82 21.43 -0.01
C ASP A 364 -15.67 20.69 -1.34
N PHE A 365 -15.74 21.40 -2.45
CA PHE A 365 -15.47 20.80 -3.75
C PHE A 365 -13.99 20.80 -4.09
N VAL A 366 -13.20 21.67 -3.44
CA VAL A 366 -11.75 21.66 -3.66
C VAL A 366 -11.14 20.37 -3.12
N LYS A 367 -11.49 19.99 -1.89
CA LYS A 367 -11.04 18.71 -1.36
C LYS A 367 -11.65 17.56 -2.13
N PHE A 368 -12.90 17.74 -2.59
CA PHE A 368 -13.52 16.76 -3.47
C PHE A 368 -12.71 16.58 -4.75
N ARG A 369 -12.21 17.69 -5.30
CA ARG A 369 -11.35 17.62 -6.47
C ARG A 369 -9.93 17.21 -6.11
N GLU A 370 -9.55 17.33 -4.84
CA GLU A 370 -8.20 16.97 -4.41
C GLU A 370 -8.13 15.58 -3.82
N GLU A 371 -9.19 15.12 -3.14
CA GLU A 371 -9.17 13.81 -2.52
C GLU A 371 -9.03 12.70 -3.56
N ASN A 372 -9.65 12.86 -4.72
CA ASN A 372 -9.65 11.84 -5.76
C ASN A 372 -9.08 12.40 -7.06
N LYS A 373 -7.95 13.11 -6.96
CA LYS A 373 -7.32 13.69 -8.14
C LYS A 373 -6.96 12.60 -9.14
N GLY A 374 -7.22 12.86 -10.41
CA GLY A 374 -6.99 11.89 -11.47
C GLY A 374 -8.19 11.03 -11.80
N ARG A 375 -9.29 11.13 -11.05
CA ARG A 375 -10.50 10.38 -11.32
C ARG A 375 -11.69 11.27 -11.61
N LEU A 376 -11.48 12.58 -11.73
CA LEU A 376 -12.54 13.56 -11.88
C LEU A 376 -12.27 14.41 -13.11
N SER A 377 -13.34 14.80 -13.80
CA SER A 377 -13.23 15.45 -15.09
C SER A 377 -14.21 16.61 -15.21
N TYR A 378 -13.94 17.47 -16.19
CA TYR A 378 -14.74 18.65 -16.46
C TYR A 378 -15.82 18.34 -17.51
N LEU A 379 -16.86 19.15 -17.52
CA LEU A 379 -17.99 18.96 -18.42
C LEU A 379 -18.18 20.19 -19.31
N ARG A 380 -18.41 19.94 -20.60
CA ARG A 380 -18.65 20.99 -21.57
C ARG A 380 -19.98 20.76 -22.28
N GLY A 381 -20.52 21.83 -22.85
CA GLY A 381 -21.72 21.73 -23.67
C GLY A 381 -23.00 21.50 -22.91
N GLY A 382 -22.97 21.48 -21.58
CA GLY A 382 -24.15 21.27 -20.77
C GLY A 382 -24.46 22.50 -19.92
N ARG A 383 -25.54 22.39 -19.16
CA ARG A 383 -25.92 23.47 -18.27
C ARG A 383 -24.90 23.63 -17.15
N ASN A 384 -24.92 24.79 -16.52
CA ASN A 384 -23.93 25.11 -15.50
C ASN A 384 -24.04 24.21 -14.28
N PHE A 385 -25.17 23.56 -14.06
CA PHE A 385 -25.38 22.66 -12.94
C PHE A 385 -25.49 21.20 -13.35
N ASP A 386 -25.11 20.87 -14.58
CA ASP A 386 -25.24 19.51 -15.08
C ASP A 386 -24.07 18.67 -14.57
N ASN A 387 -24.36 17.39 -14.32
CA ASN A 387 -23.36 16.45 -13.82
C ASN A 387 -23.57 15.10 -14.51
N ALA A 388 -22.54 14.27 -14.49
CA ALA A 388 -22.60 12.99 -15.19
C ALA A 388 -21.62 12.01 -14.57
N MET A 389 -21.81 10.73 -14.90
CA MET A 389 -20.92 9.66 -14.51
C MET A 389 -20.58 8.78 -15.71
N VAL A 390 -19.38 8.20 -15.68
CA VAL A 390 -18.99 7.14 -16.60
C VAL A 390 -18.87 5.87 -15.77
N MET A 391 -19.69 4.88 -16.09
CA MET A 391 -19.84 3.69 -15.25
C MET A 391 -19.50 2.44 -16.04
N GLN A 392 -18.75 1.54 -15.41
CA GLN A 392 -18.33 0.29 -16.02
C GLN A 392 -18.92 -0.88 -15.25
N ILE A 393 -19.54 -1.81 -15.99
CA ILE A 393 -20.18 -2.99 -15.43
C ILE A 393 -19.58 -4.21 -16.15
N ASN A 394 -20.04 -5.40 -15.78
CA ASN A 394 -19.44 -6.63 -16.31
C ASN A 394 -19.55 -6.70 -17.83
N ASP A 395 -20.70 -6.33 -18.38
CA ASP A 395 -20.96 -6.50 -19.80
C ASP A 395 -21.15 -5.21 -20.58
N TYR A 396 -21.36 -4.07 -19.91
CA TYR A 396 -21.63 -2.84 -20.62
C TYR A 396 -21.07 -1.65 -19.84
N LEU A 397 -20.85 -0.56 -20.57
CA LEU A 397 -20.44 0.72 -20.00
C LEU A 397 -21.67 1.61 -19.87
N PHE A 398 -21.86 2.21 -18.69
CA PHE A 398 -23.07 2.94 -18.37
C PHE A 398 -22.77 4.40 -18.12
N VAL A 399 -23.71 5.27 -18.47
CA VAL A 399 -23.62 6.70 -18.24
C VAL A 399 -24.89 7.15 -17.51
N GLU A 400 -24.71 7.90 -16.43
CA GLU A 400 -25.82 8.45 -15.65
C GLU A 400 -25.66 9.95 -15.54
N PHE A 401 -26.79 10.65 -15.51
CA PHE A 401 -26.81 12.11 -15.48
C PHE A 401 -27.60 12.59 -14.27
N SER A 402 -27.22 13.76 -13.76
CA SER A 402 -27.83 14.33 -12.57
C SER A 402 -29.11 15.11 -12.87
N GLY A 403 -29.49 15.23 -14.14
CA GLY A 403 -30.71 15.93 -14.49
C GLY A 403 -31.93 15.03 -14.40
N THR A 404 -32.85 15.34 -13.49
CA THR A 404 -34.06 14.56 -13.31
C THR A 404 -34.89 14.56 -14.59
N GLY A 405 -35.07 13.39 -15.18
CA GLY A 405 -35.78 13.25 -16.44
C GLY A 405 -34.89 12.93 -17.63
N ASN A 406 -33.58 12.84 -17.45
CA ASN A 406 -32.67 12.50 -18.55
C ASN A 406 -32.49 10.99 -18.61
N ALA A 407 -32.73 10.41 -19.79
CA ALA A 407 -32.51 8.99 -19.98
C ALA A 407 -31.03 8.66 -19.96
N MET A 408 -30.71 7.50 -19.39
CA MET A 408 -29.33 7.07 -19.31
C MET A 408 -28.85 6.54 -20.65
N TYR A 409 -27.61 6.83 -20.98
CA TYR A 409 -26.98 6.36 -22.21
C TYR A 409 -26.01 5.24 -21.88
N ALA A 410 -26.00 4.21 -22.71
CA ALA A 410 -25.17 3.04 -22.49
C ALA A 410 -24.27 2.79 -23.69
N TYR A 411 -23.02 2.40 -23.41
CA TYR A 411 -22.04 2.08 -24.45
C TYR A 411 -21.46 0.71 -24.16
N GLN A 412 -20.99 0.04 -25.21
CA GLN A 412 -20.31 -1.23 -25.03
C GLN A 412 -18.91 -1.01 -24.46
N ILE A 413 -18.45 -1.96 -23.64
CA ILE A 413 -17.12 -1.85 -23.05
C ILE A 413 -16.07 -1.78 -24.15
N GLY A 414 -15.18 -0.80 -24.05
CA GLY A 414 -14.21 -0.59 -25.10
C GLY A 414 -14.79 -0.05 -26.38
N HIS A 415 -16.01 0.48 -26.33
CA HIS A 415 -16.68 1.02 -27.52
C HIS A 415 -17.41 2.29 -27.08
N ALA A 416 -16.73 3.44 -27.21
CA ALA A 416 -17.29 4.72 -26.82
C ALA A 416 -16.56 5.82 -27.55
N PRO A 417 -17.22 6.95 -27.84
CA PRO A 417 -16.54 8.04 -28.53
C PRO A 417 -15.66 8.89 -27.63
N PHE A 418 -15.58 8.59 -26.34
CA PHE A 418 -14.85 9.43 -25.39
C PHE A 418 -13.93 8.57 -24.54
N ASN A 419 -12.83 9.19 -24.11
CA ASN A 419 -11.92 8.56 -23.17
C ASN A 419 -12.39 8.83 -21.76
N PRO A 420 -12.75 7.80 -20.98
CA PRO A 420 -13.24 8.06 -19.61
C PRO A 420 -12.22 8.73 -18.71
N GLU A 421 -10.94 8.60 -19.00
CA GLU A 421 -9.90 9.23 -18.20
C GLU A 421 -9.54 10.64 -18.68
N SER A 422 -10.21 11.13 -19.74
CA SER A 422 -9.97 12.49 -20.20
C SER A 422 -10.48 13.49 -19.15
N ARG A 423 -9.77 14.60 -19.02
CA ARG A 423 -10.07 15.59 -18.00
C ARG A 423 -11.22 16.52 -18.38
N THR A 424 -11.60 16.54 -19.65
CA THR A 424 -12.68 17.39 -20.15
C THR A 424 -13.57 16.59 -21.08
N LEU A 425 -14.88 16.74 -20.93
CA LEU A 425 -15.84 15.98 -21.71
C LEU A 425 -17.06 16.85 -22.01
N ASP A 426 -17.85 16.40 -22.98
CA ASP A 426 -19.03 17.11 -23.43
C ASP A 426 -20.24 16.19 -23.37
N ILE A 427 -21.40 16.73 -22.96
CA ILE A 427 -22.60 15.93 -22.86
C ILE A 427 -23.04 15.43 -24.24
N ASN A 428 -23.03 16.31 -25.23
CA ASN A 428 -23.59 15.99 -26.54
C ASN A 428 -22.56 15.38 -27.48
N ILE A 429 -21.35 15.93 -27.50
CA ILE A 429 -20.32 15.40 -28.39
C ILE A 429 -19.88 14.01 -27.96
N HIS A 430 -19.80 13.78 -26.65
CA HIS A 430 -19.29 12.52 -26.12
C HIS A 430 -20.35 11.73 -25.37
N LEU A 431 -21.00 12.32 -24.36
CA LEU A 431 -21.83 11.55 -23.45
C LEU A 431 -23.16 11.12 -24.05
N LYS A 432 -23.84 12.01 -24.76
CA LYS A 432 -25.18 11.74 -25.27
C LYS A 432 -25.19 11.57 -26.78
N ASP A 433 -24.18 10.90 -27.32
CA ASP A 433 -24.12 10.62 -28.75
C ASP A 433 -25.10 9.49 -29.06
N GLN A 434 -26.29 9.84 -29.55
CA GLN A 434 -27.29 8.83 -29.84
C GLN A 434 -26.86 7.89 -30.96
N GLY A 435 -26.03 8.37 -31.89
CA GLY A 435 -25.55 7.53 -32.97
C GLY A 435 -24.45 6.57 -32.56
N ARG A 436 -23.88 6.74 -31.36
CA ARG A 436 -22.80 5.90 -30.88
C ARG A 436 -23.14 5.20 -29.58
N CYS A 437 -24.33 5.41 -29.03
CA CYS A 437 -24.77 4.75 -27.81
C CYS A 437 -25.73 3.61 -28.15
N ALA A 438 -25.82 2.64 -27.25
CA ALA A 438 -26.57 1.41 -27.50
C ALA A 438 -27.95 1.39 -26.86
N LEU A 439 -28.05 1.61 -25.54
CA LEU A 439 -29.29 1.41 -24.82
C LEU A 439 -29.78 2.73 -24.24
N ARG A 440 -31.08 2.98 -24.40
CA ARG A 440 -31.73 4.16 -23.83
C ARG A 440 -32.91 3.69 -23.00
N LEU A 441 -32.92 4.05 -21.72
CA LEU A 441 -34.01 3.65 -20.83
C LEU A 441 -34.36 4.77 -19.86
N PRO A 442 -35.48 5.45 -20.06
CA PRO A 442 -35.92 6.46 -19.08
C PRO A 442 -36.26 5.83 -17.75
N HIS A 443 -36.10 6.62 -16.68
CA HIS A 443 -36.37 6.16 -15.31
C HIS A 443 -37.84 6.36 -14.98
N ALA A 444 -38.67 5.53 -15.62
CA ALA A 444 -40.11 5.54 -15.41
C ALA A 444 -40.62 4.11 -15.42
N PRO A 445 -41.74 3.83 -14.74
CA PRO A 445 -42.54 4.73 -13.87
C PRO A 445 -41.84 5.02 -12.54
N ARG A 446 -42.26 6.07 -11.82
CA ARG A 446 -41.61 6.42 -10.57
C ARG A 446 -41.82 5.31 -9.53
N ALA A 447 -40.78 5.07 -8.72
CA ALA A 447 -40.77 3.99 -7.75
C ALA A 447 -41.00 4.53 -6.35
N GLU A 448 -41.88 3.85 -5.59
CA GLU A 448 -42.12 4.16 -4.19
C GLU A 448 -41.77 2.95 -3.35
N GLY A 449 -41.60 3.19 -2.04
CA GLY A 449 -41.38 2.10 -1.10
C GLY A 449 -40.10 1.33 -1.29
N TYR A 450 -39.03 1.98 -1.76
CA TYR A 450 -37.78 1.28 -2.04
C TYR A 450 -37.12 0.76 -0.76
N ASN A 451 -36.54 -0.44 -0.87
CA ASN A 451 -35.75 -1.04 0.20
C ASN A 451 -34.62 -1.83 -0.43
N LYS A 452 -33.68 -2.28 0.41
CA LYS A 452 -32.52 -3.00 -0.09
C LYS A 452 -32.92 -4.34 -0.71
N VAL A 453 -33.71 -5.14 0.02
CA VAL A 453 -34.05 -6.47 -0.47
C VAL A 453 -35.38 -6.45 -1.20
N ARG A 454 -36.36 -5.72 -0.69
CA ARG A 454 -37.62 -5.52 -1.39
C ARG A 454 -37.43 -4.44 -2.45
N ILE A 455 -37.70 -4.78 -3.71
CA ILE A 455 -37.50 -3.88 -4.83
C ILE A 455 -38.87 -3.50 -5.39
N THR A 456 -38.99 -2.27 -5.90
CA THR A 456 -40.25 -1.74 -6.39
C THR A 456 -40.01 -0.82 -7.57
N GLY A 457 -41.09 -0.50 -8.28
CA GLY A 457 -41.14 0.51 -9.32
C GLY A 457 -40.34 0.18 -10.58
N TRP A 458 -39.83 1.24 -11.21
CA TRP A 458 -39.08 1.09 -12.45
C TRP A 458 -37.84 0.23 -12.23
N MET A 459 -37.14 0.43 -11.12
CA MET A 459 -35.94 -0.36 -10.85
C MET A 459 -36.27 -1.82 -10.58
N LEU A 460 -37.53 -2.12 -10.25
CA LEU A 460 -37.96 -3.51 -10.23
C LEU A 460 -37.91 -4.10 -11.64
N LYS A 461 -38.45 -3.38 -12.62
CA LYS A 461 -38.32 -3.80 -14.01
C LYS A 461 -36.86 -3.77 -14.45
N TYR A 462 -36.11 -2.75 -14.00
CA TYR A 462 -34.69 -2.69 -14.30
C TYR A 462 -33.96 -3.89 -13.73
N ASP A 463 -34.32 -4.30 -12.50
CA ASP A 463 -33.76 -5.53 -11.94
C ASP A 463 -34.18 -6.74 -12.77
N ASP A 464 -35.45 -6.77 -13.19
CA ASP A 464 -35.96 -7.92 -13.95
C ASP A 464 -35.18 -8.12 -15.24
N GLU A 465 -34.89 -7.02 -15.95
CA GLU A 465 -34.14 -7.14 -17.19
C GLU A 465 -32.75 -7.71 -16.96
N LEU A 466 -32.12 -7.34 -15.84
CA LEU A 466 -30.77 -7.83 -15.54
C LEU A 466 -30.81 -9.18 -14.81
N ARG A 467 -31.79 -9.39 -13.94
CA ARG A 467 -31.87 -10.65 -13.21
C ARG A 467 -32.16 -11.81 -14.16
N LYS A 468 -32.95 -11.56 -15.21
CA LYS A 468 -33.28 -12.61 -16.16
C LYS A 468 -32.05 -13.09 -16.93
N LEU A 469 -30.97 -12.31 -16.93
CA LEU A 469 -29.82 -12.61 -17.77
C LEU A 469 -28.50 -12.76 -17.03
N GLY A 470 -28.43 -12.44 -15.74
CA GLY A 470 -27.14 -12.48 -15.08
C GLY A 470 -27.07 -11.90 -13.68
N ILE A 471 -26.10 -10.99 -13.48
CA ILE A 471 -25.79 -10.47 -12.16
C ILE A 471 -27.04 -9.91 -11.48
N ARG A 472 -27.10 -10.01 -10.16
CA ARG A 472 -28.27 -9.63 -9.39
C ARG A 472 -27.82 -8.98 -8.10
N TRP A 473 -28.75 -8.86 -7.14
CA TRP A 473 -28.47 -8.36 -5.80
C TRP A 473 -28.03 -9.54 -4.93
N MET A 474 -26.80 -9.48 -4.42
CA MET A 474 -26.32 -10.42 -3.42
C MET A 474 -25.53 -9.65 -2.37
N ALA A 475 -25.90 -9.84 -1.11
CA ALA A 475 -25.15 -9.22 -0.02
C ALA A 475 -23.83 -9.96 0.18
N GLU A 476 -22.78 -9.21 0.51
CA GLU A 476 -21.49 -9.82 0.78
C GLU A 476 -21.57 -10.66 2.05
N GLU A 477 -20.58 -11.53 2.23
CA GLU A 477 -20.51 -12.41 3.38
C GLU A 477 -20.45 -11.57 4.66
N PRO A 478 -21.50 -11.62 5.49
CA PRO A 478 -21.61 -10.79 6.70
C PRO A 478 -20.55 -11.12 7.75
#